data_6R9P
#
_entry.id   6R9P
#
_cell.length_a   91.885
_cell.length_b   117.091
_cell.length_c   255.888
_cell.angle_alpha   90.000
_cell.angle_beta   90.000
_cell.angle_gamma   90.000
#
_symmetry.space_group_name_H-M   'I 2 2 2'
#
loop_
_entity.id
_entity.type
_entity.pdbx_description
1 polymer 'PAN2-PAN3 deadenylation complex catalytic subunit PAN2'
2 polymer 'AAUUAA RNA'
#
loop_
_entity_poly.entity_id
_entity_poly.type
_entity_poly.pdbx_seq_one_letter_code
_entity_poly.pdbx_strand_id
1 'polypeptide(L)'
;MHHHHHHHHLEVLFQGPTSDIQTYTSINKYEVPPAYSRLPLTSGRFGTDNFDFTPFNNTEYSGLDPDVDNHYTNAIIQLY
RFIPEMFNFVVGCLKDENFETTLLTDLGYLFDMMERSHGKICSSSNFQASLKSLTDKRQLENGEPQEHLEEYLESLCIRE
SIEDFNSSESIKRNMPQKFNRFLLSQLIKEEAQTVNHNITLNQCFGLETEIRTECSCDHYDTTVKLLPSLSISGINKTVI
KQLNKKSNGQNILPYIEYAMKNVTQKNSICPTCGKTETITQECTVKNLPSVLSLELSLLDTEFSNIRSSKNWLTSEFYGS
IIKNKAVLRSTASELKGTSHIFKYELNGYVAKITDNNNETRLVTYVKKYNPKENCFKWLMFNDYLVVEITEEEALKMTYP
WKTPEIIIYCDAEELRKPFFSVDTYSINYDILFRDYFANGIRDTARREYKLLTHDEAPKSGTLVAIDAAFVSLQSELCEI
DHQGIRSIIRPKRTALARISIIRGEEGELYGVPFVDDYVVNTNHIEDYLTRYSGILPGDLDPEKSTKRLVRRNVVYRKVW
LLMQLGCVFVGHGLNNDFKHININVPRNQIRDTAIYFLQGKRYLSLRYLAYVLLGMNIQEGNHDSIEDAHTALILYKKYL
HLKEKAIFEKVLNSVYEEGRAHNFKVPETSKG
;
A
2 'polyribonucleotide' AAUUAA B
#
loop_
_chem_comp.id
_chem_comp.type
_chem_comp.name
_chem_comp.formula
A RNA linking ADENOSINE-5'-MONOPHOSPHATE 'C10 H14 N5 O7 P'
U RNA linking URIDINE-5'-MONOPHOSPHATE 'C9 H13 N2 O9 P'
#
# COMPACT_ATOMS: atom_id res chain seq x y z
N THR A 18 -12.64 -2.90 24.32
CA THR A 18 -12.44 -1.53 23.83
C THR A 18 -11.15 -0.95 24.38
N SER A 19 -11.09 -0.82 25.71
CA SER A 19 -10.00 -0.14 26.39
C SER A 19 -8.65 -0.81 26.13
N ASP A 20 -8.49 -2.03 26.61
CA ASP A 20 -7.23 -2.77 26.48
C ASP A 20 -7.34 -3.75 25.32
N ILE A 21 -7.21 -3.22 24.12
CA ILE A 21 -7.11 -4.06 22.92
C ILE A 21 -5.70 -4.13 22.38
N GLN A 22 -4.84 -3.16 22.70
CA GLN A 22 -3.43 -3.24 22.35
C GLN A 22 -2.65 -4.18 23.26
N THR A 23 -3.33 -4.92 24.14
CA THR A 23 -2.69 -6.00 24.86
C THR A 23 -2.46 -7.15 23.90
N TYR A 24 -1.20 -7.57 23.76
CA TYR A 24 -0.80 -8.55 22.76
C TYR A 24 -0.42 -9.88 23.38
N THR A 25 -1.00 -10.21 24.54
CA THR A 25 -0.67 -11.44 25.23
C THR A 25 -1.79 -11.77 26.21
N SER A 26 -1.98 -13.06 26.45
CA SER A 26 -2.91 -13.54 27.46
C SER A 26 -2.32 -14.77 28.13
N ILE A 27 -2.65 -14.96 29.40
CA ILE A 27 -1.99 -15.98 30.21
C ILE A 27 -2.30 -17.40 29.76
N ASN A 28 -3.34 -17.58 28.96
CA ASN A 28 -3.69 -18.89 28.42
C ASN A 28 -3.14 -19.01 27.00
N LYS A 29 -2.49 -20.13 26.70
CA LYS A 29 -1.96 -20.34 25.36
C LYS A 29 -3.05 -20.39 24.31
N TYR A 30 -4.30 -20.63 24.71
CA TYR A 30 -5.40 -20.82 23.78
C TYR A 30 -6.19 -19.54 23.51
N GLU A 31 -6.21 -18.60 24.46
CA GLU A 31 -6.99 -17.37 24.29
C GLU A 31 -6.22 -16.39 23.40
N VAL A 32 -6.84 -15.99 22.30
CA VAL A 32 -6.18 -15.06 21.38
C VAL A 32 -6.25 -13.66 21.96
N PRO A 33 -5.12 -12.93 22.01
CA PRO A 33 -5.15 -11.61 22.61
C PRO A 33 -5.99 -10.65 21.77
N PRO A 34 -6.54 -9.60 22.38
CA PRO A 34 -7.43 -8.70 21.63
C PRO A 34 -6.74 -8.01 20.46
N ALA A 35 -5.43 -7.81 20.53
CA ALA A 35 -4.68 -7.16 19.47
C ALA A 35 -4.66 -7.95 18.17
N TYR A 36 -5.09 -9.21 18.19
CA TYR A 36 -5.02 -10.09 17.02
C TYR A 36 -6.39 -10.45 16.46
N SER A 37 -7.46 -9.80 16.91
CA SER A 37 -8.80 -10.22 16.51
C SER A 37 -9.42 -9.21 15.55
N ARG A 38 -10.60 -9.56 15.04
CA ARG A 38 -11.26 -8.80 13.99
C ARG A 38 -11.62 -7.41 14.46
N LEU A 39 -10.91 -6.41 13.96
CA LEU A 39 -11.19 -5.02 14.31
C LEU A 39 -12.58 -4.62 13.82
N PRO A 40 -13.22 -3.67 14.49
CA PRO A 40 -14.51 -3.17 13.99
C PRO A 40 -14.33 -2.47 12.65
N LEU A 41 -15.33 -2.62 11.79
CA LEU A 41 -15.27 -2.01 10.46
C LEU A 41 -15.18 -0.50 10.58
N THR A 42 -14.44 0.11 9.66
CA THR A 42 -14.28 1.56 9.63
C THR A 42 -15.27 2.23 8.67
N SER A 43 -15.74 1.50 7.65
CA SER A 43 -16.73 1.99 6.68
C SER A 43 -16.50 3.43 6.24
N ASP A 49 -16.14 7.40 8.45
CA ASP A 49 -16.77 8.59 9.01
C ASP A 49 -16.16 8.98 10.36
N ASN A 50 -15.14 9.85 10.31
CA ASN A 50 -14.37 10.33 11.45
C ASN A 50 -14.00 9.24 12.46
N PHE A 51 -13.67 8.05 11.97
CA PHE A 51 -13.21 6.97 12.85
C PHE A 51 -11.89 7.38 13.47
N ASP A 52 -11.84 7.40 14.80
CA ASP A 52 -10.65 7.87 15.53
C ASP A 52 -9.74 6.68 15.82
N PHE A 53 -8.51 6.75 15.30
CA PHE A 53 -7.58 5.63 15.36
C PHE A 53 -6.59 5.73 16.51
N THR A 54 -6.57 6.82 17.27
CA THR A 54 -5.53 6.98 18.28
C THR A 54 -5.52 5.89 19.37
N PRO A 55 -6.62 5.24 19.75
CA PRO A 55 -6.49 4.13 20.70
C PRO A 55 -5.92 2.86 20.09
N PHE A 56 -5.75 2.81 18.77
CA PHE A 56 -5.26 1.62 18.10
C PHE A 56 -3.79 1.71 17.69
N ASN A 57 -3.18 2.90 17.73
CA ASN A 57 -1.82 3.05 17.21
C ASN A 57 -1.17 4.27 17.85
N ASN A 58 -0.31 4.02 18.84
CA ASN A 58 0.48 5.08 19.45
C ASN A 58 1.85 5.25 18.81
N THR A 59 2.21 4.38 17.88
CA THR A 59 3.53 4.44 17.24
C THR A 59 3.54 5.45 16.11
N GLU A 60 4.75 5.82 15.69
CA GLU A 60 4.95 6.71 14.56
C GLU A 60 4.99 5.96 13.23
N TYR A 61 4.42 4.77 13.16
CA TYR A 61 4.44 3.94 11.97
C TYR A 61 3.01 3.57 11.59
N SER A 62 2.56 4.09 10.45
CA SER A 62 1.15 4.00 10.07
C SER A 62 0.69 2.55 9.90
N GLY A 63 -0.63 2.37 10.02
CA GLY A 63 -1.30 1.15 9.64
C GLY A 63 -2.20 1.40 8.44
N LEU A 64 -2.83 0.31 7.99
CA LEU A 64 -3.57 0.34 6.73
C LEU A 64 -5.05 0.05 6.93
N ASP A 65 -5.87 0.80 6.21
CA ASP A 65 -7.32 0.70 6.27
C ASP A 65 -7.78 -0.66 5.75
N PRO A 66 -8.54 -1.44 6.52
CA PRO A 66 -8.97 -2.77 6.07
C PRO A 66 -10.10 -2.77 5.06
N ASP A 67 -10.61 -1.61 4.64
CA ASP A 67 -11.76 -1.55 3.73
C ASP A 67 -11.28 -1.76 2.29
N VAL A 68 -10.78 -2.98 2.04
CA VAL A 68 -10.23 -3.36 0.74
C VAL A 68 -10.84 -4.69 0.31
N ASP A 69 -10.56 -5.07 -0.94
CA ASP A 69 -11.08 -6.31 -1.50
C ASP A 69 -10.28 -7.53 -1.08
N ASN A 70 -9.07 -7.35 -0.56
CA ASN A 70 -8.13 -8.44 -0.36
C ASN A 70 -7.84 -8.63 1.11
N HIS A 71 -8.18 -9.80 1.64
CA HIS A 71 -7.92 -10.12 3.04
C HIS A 71 -6.43 -10.29 3.34
N TYR A 72 -5.59 -10.53 2.33
CA TYR A 72 -4.22 -10.94 2.62
C TYR A 72 -3.16 -9.92 2.25
N THR A 73 -3.37 -9.07 1.23
CA THR A 73 -2.28 -8.21 0.77
C THR A 73 -1.85 -7.20 1.82
N ASN A 74 -2.75 -6.78 2.70
CA ASN A 74 -2.42 -5.75 3.68
C ASN A 74 -1.19 -6.15 4.50
N ALA A 75 -1.20 -7.38 5.04
CA ALA A 75 -0.08 -7.85 5.85
C ALA A 75 1.22 -7.89 5.07
N ILE A 76 1.14 -8.17 3.76
CA ILE A 76 2.35 -8.37 2.96
C ILE A 76 3.01 -7.03 2.64
N ILE A 77 2.21 -6.02 2.28
CA ILE A 77 2.73 -4.66 2.10
C ILE A 77 3.52 -4.20 3.31
N GLN A 78 3.00 -4.47 4.52
CA GLN A 78 3.73 -4.09 5.72
C GLN A 78 5.01 -4.90 5.89
N LEU A 79 4.97 -6.19 5.57
CA LEU A 79 6.18 -7.00 5.56
C LEU A 79 7.24 -6.37 4.69
N TYR A 80 6.85 -5.75 3.59
CA TYR A 80 7.78 -5.25 2.60
C TYR A 80 8.24 -3.83 2.88
N ARG A 81 7.40 -3.00 3.48
CA ARG A 81 7.77 -1.62 3.77
C ARG A 81 9.01 -1.52 4.64
N PHE A 82 9.31 -2.55 5.43
CA PHE A 82 10.43 -2.49 6.37
C PHE A 82 11.64 -3.28 5.91
N ILE A 83 11.65 -3.76 4.67
CA ILE A 83 12.89 -4.16 4.01
C ILE A 83 13.61 -2.89 3.61
N PRO A 84 14.72 -2.52 4.25
CA PRO A 84 15.39 -1.27 3.85
C PRO A 84 15.79 -1.28 2.38
N GLU A 85 16.14 -2.44 1.84
CA GLU A 85 16.63 -2.52 0.47
C GLU A 85 15.52 -2.44 -0.56
N MET A 86 14.38 -3.09 -0.30
CA MET A 86 13.28 -2.94 -1.26
C MET A 86 12.53 -1.64 -1.04
N PHE A 87 12.35 -1.21 0.22
CA PHE A 87 11.74 0.09 0.46
C PHE A 87 12.47 1.16 -0.33
N ASN A 88 13.78 1.30 -0.08
CA ASN A 88 14.54 2.39 -0.67
C ASN A 88 14.48 2.39 -2.19
N PHE A 89 14.28 1.22 -2.80
CA PHE A 89 14.21 1.18 -4.26
C PHE A 89 12.84 1.62 -4.76
N VAL A 90 11.78 1.01 -4.22
CA VAL A 90 10.43 1.31 -4.69
C VAL A 90 10.10 2.80 -4.49
N VAL A 91 10.46 3.37 -3.35
CA VAL A 91 10.28 4.82 -3.22
C VAL A 91 11.28 5.54 -4.12
N GLY A 92 12.43 4.93 -4.37
CA GLY A 92 13.46 5.60 -5.16
C GLY A 92 12.99 5.91 -6.57
N CYS A 93 12.36 4.93 -7.22
CA CYS A 93 11.89 5.11 -8.60
C CYS A 93 10.80 6.17 -8.72
N LEU A 94 10.44 6.86 -7.65
CA LEU A 94 9.49 7.96 -7.74
C LEU A 94 10.14 9.26 -8.18
N LYS A 95 11.48 9.33 -8.23
CA LYS A 95 12.11 10.49 -8.87
C LYS A 95 11.71 10.58 -10.33
N ASP A 96 11.62 9.44 -10.99
CA ASP A 96 11.33 9.38 -12.41
C ASP A 96 9.88 8.99 -12.63
N GLU A 97 9.40 9.25 -13.85
CA GLU A 97 8.00 9.08 -14.19
C GLU A 97 7.82 7.72 -14.87
N ASN A 98 7.44 6.73 -14.08
CA ASN A 98 7.27 5.36 -14.55
C ASN A 98 5.78 5.03 -14.52
N PHE A 99 5.07 5.42 -15.58
CA PHE A 99 3.63 5.26 -15.62
C PHE A 99 3.21 3.87 -16.05
N GLU A 100 3.93 3.26 -17.00
CA GLU A 100 3.52 1.97 -17.55
C GLU A 100 3.73 0.83 -16.57
N THR A 101 4.57 1.00 -15.55
CA THR A 101 4.80 -0.03 -14.55
C THR A 101 3.92 0.26 -13.34
N THR A 102 2.64 -0.07 -13.50
CA THR A 102 1.61 0.39 -12.58
C THR A 102 1.84 -0.12 -11.16
N LEU A 103 2.12 -1.42 -11.02
CA LEU A 103 2.19 -2.02 -9.68
C LEU A 103 3.37 -1.50 -8.88
N LEU A 104 4.46 -1.11 -9.54
CA LEU A 104 5.65 -0.69 -8.78
C LEU A 104 5.58 0.78 -8.39
N THR A 105 5.06 1.64 -9.25
CA THR A 105 4.96 3.04 -8.84
C THR A 105 3.78 3.28 -7.90
N ASP A 106 2.71 2.49 -8.02
CA ASP A 106 1.63 2.62 -7.04
C ASP A 106 2.06 2.07 -5.68
N LEU A 107 2.88 1.02 -5.68
CA LEU A 107 3.50 0.58 -4.43
C LEU A 107 4.42 1.66 -3.88
N GLY A 108 5.11 2.39 -4.77
CA GLY A 108 5.96 3.47 -4.33
C GLY A 108 5.17 4.60 -3.69
N TYR A 109 4.09 5.04 -4.36
CA TYR A 109 3.20 6.04 -3.77
C TYR A 109 2.67 5.58 -2.42
N LEU A 110 2.37 4.29 -2.28
CA LEU A 110 1.92 3.77 -1.00
C LEU A 110 3.06 3.77 0.03
N PHE A 111 4.24 3.31 -0.38
CA PHE A 111 5.38 3.30 0.54
C PHE A 111 5.73 4.71 0.98
N ASP A 112 5.83 5.64 0.03
CA ASP A 112 6.10 7.03 0.40
C ASP A 112 5.02 7.57 1.32
N MET A 113 3.76 7.21 1.05
CA MET A 113 2.65 7.64 1.90
C MET A 113 2.83 7.17 3.34
N MET A 114 3.08 5.88 3.52
CA MET A 114 3.16 5.33 4.87
C MET A 114 4.30 5.95 5.66
N GLU A 115 5.44 6.21 5.01
CA GLU A 115 6.59 6.74 5.73
C GLU A 115 6.32 8.15 6.26
N ARG A 116 5.59 8.97 5.50
CA ARG A 116 5.41 10.36 5.86
C ARG A 116 4.21 10.61 6.77
N SER A 117 3.21 9.72 6.77
CA SER A 117 2.06 9.90 7.63
C SER A 117 2.42 9.75 9.11
N HIS A 118 3.44 8.95 9.41
CA HIS A 118 3.98 8.81 10.76
C HIS A 118 2.90 8.41 11.77
N GLY A 119 2.08 7.44 11.39
CA GLY A 119 1.04 6.92 12.24
C GLY A 119 -0.33 7.07 11.62
N LYS A 120 -0.53 8.17 10.89
CA LYS A 120 -1.81 8.48 10.28
C LYS A 120 -2.31 7.31 9.42
N ILE A 121 -3.63 7.12 9.42
CA ILE A 121 -4.19 5.96 8.73
C ILE A 121 -3.86 6.02 7.26
N CYS A 122 -3.57 4.86 6.68
CA CYS A 122 -3.28 4.77 5.26
C CYS A 122 -4.23 3.78 4.60
N SER A 123 -4.56 4.06 3.35
CA SER A 123 -5.36 3.17 2.53
C SER A 123 -4.53 2.72 1.34
N SER A 124 -4.59 1.43 1.05
CA SER A 124 -3.95 0.86 -0.13
C SER A 124 -4.92 0.76 -1.31
N SER A 125 -5.98 1.57 -1.31
CA SER A 125 -7.04 1.45 -2.32
C SER A 125 -6.47 1.54 -3.73
N ASN A 126 -5.57 2.51 -3.97
CA ASN A 126 -5.00 2.70 -5.30
C ASN A 126 -4.26 1.47 -5.76
N PHE A 127 -3.32 0.99 -4.94
CA PHE A 127 -2.56 -0.21 -5.27
C PHE A 127 -3.47 -1.38 -5.56
N GLN A 128 -4.51 -1.57 -4.74
CA GLN A 128 -5.43 -2.69 -4.94
C GLN A 128 -6.14 -2.60 -6.28
N ALA A 129 -6.42 -1.37 -6.75
CA ALA A 129 -7.05 -1.24 -8.06
C ALA A 129 -6.09 -1.63 -9.17
N SER A 130 -4.80 -1.33 -9.03
CA SER A 130 -3.83 -1.70 -10.05
C SER A 130 -3.60 -3.20 -10.08
N LEU A 131 -3.62 -3.84 -8.91
CA LEU A 131 -3.52 -5.28 -8.85
C LEU A 131 -4.67 -5.95 -9.61
N LYS A 132 -5.90 -5.60 -9.26
CA LYS A 132 -7.05 -6.14 -9.98
C LYS A 132 -7.07 -5.72 -11.44
N SER A 133 -6.37 -4.63 -11.78
CA SER A 133 -6.33 -4.19 -13.17
C SER A 133 -5.61 -5.19 -14.06
N LEU A 134 -4.45 -5.69 -13.61
CA LEU A 134 -3.65 -6.57 -14.46
C LEU A 134 -4.04 -8.05 -14.33
N THR A 135 -4.59 -8.45 -13.18
CA THR A 135 -5.13 -9.81 -13.09
C THR A 135 -6.31 -9.98 -14.03
N ASP A 136 -7.11 -8.93 -14.22
CA ASP A 136 -8.22 -8.94 -15.17
C ASP A 136 -7.78 -8.77 -16.61
N LYS A 137 -6.48 -8.87 -16.89
CA LYS A 137 -5.97 -8.66 -18.25
C LYS A 137 -5.90 -9.95 -19.05
N ARG A 138 -5.40 -11.03 -18.46
CA ARG A 138 -5.32 -12.31 -19.16
C ARG A 138 -6.07 -13.40 -18.39
N PRO A 145 2.77 -20.53 -16.98
CA PRO A 145 2.37 -20.22 -15.60
C PRO A 145 1.50 -18.97 -15.51
N GLN A 146 0.61 -18.80 -16.49
CA GLN A 146 -0.40 -17.75 -16.41
C GLN A 146 -1.40 -18.00 -15.28
N GLU A 147 -1.46 -19.23 -14.78
CA GLU A 147 -2.39 -19.60 -13.72
C GLU A 147 -2.20 -18.80 -12.43
N HIS A 148 -1.09 -18.06 -12.31
CA HIS A 148 -0.90 -17.21 -11.14
C HIS A 148 -1.96 -16.12 -11.08
N LEU A 149 -2.15 -15.39 -12.19
CA LEU A 149 -3.08 -14.27 -12.20
C LEU A 149 -4.52 -14.73 -11.95
N GLU A 150 -4.93 -15.83 -12.59
CA GLU A 150 -6.30 -16.31 -12.41
C GLU A 150 -6.57 -16.65 -10.96
N GLU A 151 -5.64 -17.33 -10.29
CA GLU A 151 -5.83 -17.68 -8.90
C GLU A 151 -5.84 -16.43 -8.02
N TYR A 152 -4.96 -15.46 -8.32
CA TYR A 152 -4.90 -14.24 -7.54
C TYR A 152 -6.09 -13.31 -7.83
N LEU A 153 -6.88 -13.56 -8.87
CA LEU A 153 -8.12 -12.82 -9.10
C LEU A 153 -9.27 -13.42 -8.32
N GLU A 154 -8.97 -14.02 -7.17
CA GLU A 154 -9.99 -14.25 -6.17
C GLU A 154 -10.11 -13.05 -5.25
N SER A 155 -9.88 -11.86 -5.81
CA SER A 155 -10.19 -10.56 -5.21
C SER A 155 -11.66 -10.43 -4.84
N LEU A 156 -12.49 -11.40 -5.21
CA LEU A 156 -13.93 -11.20 -5.31
C LEU A 156 -14.70 -11.73 -4.11
N CYS A 157 -14.19 -12.75 -3.42
CA CYS A 157 -14.88 -13.29 -2.25
C CYS A 157 -14.06 -13.10 -0.97
N ILE A 158 -12.84 -13.64 -0.92
CA ILE A 158 -11.94 -13.59 0.23
C ILE A 158 -12.65 -13.47 1.59
N GLU A 169 -14.87 -18.46 5.09
CA GLU A 169 -13.42 -18.39 5.23
C GLU A 169 -12.85 -17.24 4.41
N SER A 170 -12.12 -16.35 5.06
CA SER A 170 -11.71 -15.10 4.43
C SER A 170 -10.34 -15.15 3.78
N ILE A 171 -9.48 -16.09 4.18
CA ILE A 171 -8.29 -16.41 3.39
C ILE A 171 -8.10 -17.92 3.42
N LYS A 172 -7.74 -18.47 2.26
CA LYS A 172 -7.55 -19.91 2.11
C LYS A 172 -6.08 -20.25 2.35
N ARG A 173 -5.77 -21.53 2.25
CA ARG A 173 -4.41 -21.99 2.49
C ARG A 173 -3.50 -21.65 1.31
N ASN A 174 -2.28 -21.23 1.64
CA ASN A 174 -1.21 -20.98 0.69
C ASN A 174 -1.51 -19.82 -0.27
N MET A 175 -2.67 -19.19 -0.11
CA MET A 175 -2.93 -17.97 -0.88
C MET A 175 -2.02 -16.80 -0.53
N PRO A 176 -1.56 -16.62 0.72
CA PRO A 176 -0.55 -15.57 0.95
C PRO A 176 0.74 -15.81 0.20
N GLN A 177 1.28 -17.03 0.32
CA GLN A 177 2.53 -17.37 -0.38
C GLN A 177 2.35 -17.24 -1.89
N LYS A 178 1.16 -17.61 -2.40
CA LYS A 178 0.89 -17.39 -3.81
C LYS A 178 1.00 -15.91 -4.18
N PHE A 179 0.54 -15.02 -3.30
CA PHE A 179 0.68 -13.60 -3.61
C PHE A 179 2.09 -13.10 -3.41
N ASN A 180 2.79 -13.60 -2.39
CA ASN A 180 4.17 -13.19 -2.18
C ASN A 180 5.03 -13.50 -3.40
N ARG A 181 4.82 -14.68 -4.00
CA ARG A 181 5.51 -14.96 -5.26
C ARG A 181 5.01 -14.03 -6.35
N PHE A 182 3.69 -13.91 -6.50
CA PHE A 182 3.13 -13.09 -7.57
C PHE A 182 3.67 -11.67 -7.54
N LEU A 183 3.67 -11.05 -6.36
CA LEU A 183 4.09 -9.65 -6.27
C LEU A 183 5.56 -9.49 -6.63
N LEU A 184 6.43 -10.25 -5.97
CA LEU A 184 7.86 -10.18 -6.25
C LEU A 184 8.15 -10.47 -7.72
N SER A 185 7.47 -11.45 -8.30
CA SER A 185 7.65 -11.75 -9.72
C SER A 185 7.22 -10.57 -10.58
N GLN A 186 5.99 -10.08 -10.38
CA GLN A 186 5.47 -9.00 -11.20
C GLN A 186 6.09 -7.65 -10.87
N LEU A 187 6.85 -7.56 -9.78
CA LEU A 187 7.64 -6.36 -9.53
C LEU A 187 8.93 -6.39 -10.34
N ILE A 188 9.62 -7.53 -10.31
CA ILE A 188 10.87 -7.67 -11.06
C ILE A 188 10.62 -7.53 -12.55
N LYS A 189 9.53 -8.11 -13.06
CA LYS A 189 9.16 -7.91 -14.45
C LYS A 189 8.97 -6.44 -14.76
N GLU A 190 8.40 -5.69 -13.83
CA GLU A 190 8.19 -4.27 -14.03
C GLU A 190 9.47 -3.47 -13.77
N GLU A 191 10.38 -4.02 -12.96
CA GLU A 191 11.66 -3.39 -12.69
C GLU A 191 12.57 -3.39 -13.92
N ALA A 192 12.28 -4.22 -14.92
CA ALA A 192 13.03 -4.17 -16.16
C ALA A 192 12.50 -3.12 -17.12
N GLN A 193 11.31 -2.57 -16.86
CA GLN A 193 10.70 -1.57 -17.73
C GLN A 193 10.78 -0.16 -17.15
N THR A 194 11.67 0.08 -16.21
CA THR A 194 11.83 1.42 -15.68
C THR A 194 12.42 2.34 -16.74
N VAL A 195 12.64 3.58 -16.35
CA VAL A 195 13.63 4.40 -17.02
C VAL A 195 15.00 4.02 -16.47
N ASN A 196 16.03 4.12 -17.30
CA ASN A 196 17.37 3.65 -16.98
C ASN A 196 17.31 2.29 -16.28
N HIS A 197 16.76 1.32 -17.00
CA HIS A 197 16.29 0.04 -16.47
C HIS A 197 17.21 -0.54 -15.41
N ASN A 198 16.64 -0.76 -14.22
CA ASN A 198 17.38 -1.23 -13.06
C ASN A 198 17.11 -2.71 -12.81
N ILE A 199 17.98 -3.31 -12.00
CA ILE A 199 18.01 -4.76 -11.81
C ILE A 199 18.00 -5.05 -10.32
N THR A 200 17.79 -4.01 -9.51
CA THR A 200 18.13 -4.07 -8.09
C THR A 200 17.34 -5.15 -7.35
N LEU A 201 16.05 -5.29 -7.65
CA LEU A 201 15.24 -6.27 -6.91
C LEU A 201 15.67 -7.70 -7.20
N ASN A 202 16.06 -7.99 -8.45
CA ASN A 202 16.58 -9.31 -8.76
C ASN A 202 17.87 -9.60 -7.99
N GLN A 203 18.72 -8.58 -7.82
CA GLN A 203 20.00 -8.77 -7.12
C GLN A 203 19.85 -9.19 -5.66
N CYS A 204 18.67 -9.05 -5.06
CA CYS A 204 18.48 -9.41 -3.67
C CYS A 204 17.44 -10.50 -3.45
N PHE A 205 16.48 -10.64 -4.35
CA PHE A 205 15.58 -11.78 -4.35
C PHE A 205 15.95 -12.81 -5.40
N GLY A 206 17.12 -12.66 -6.03
CA GLY A 206 17.52 -13.58 -7.07
C GLY A 206 18.14 -14.84 -6.51
N LEU A 207 17.45 -15.96 -6.70
CA LEU A 207 17.90 -17.27 -6.25
C LEU A 207 18.15 -18.11 -7.50
N GLU A 208 19.41 -18.24 -7.87
CA GLU A 208 19.77 -18.99 -9.07
C GLU A 208 19.46 -20.46 -8.80
N THR A 209 18.33 -20.94 -9.33
CA THR A 209 17.87 -22.30 -9.10
C THR A 209 18.29 -23.16 -10.28
N GLU A 210 19.19 -24.11 -10.03
CA GLU A 210 19.52 -25.13 -11.02
C GLU A 210 18.45 -26.20 -10.98
N ILE A 211 17.74 -26.39 -12.10
CA ILE A 211 16.69 -27.38 -12.19
C ILE A 211 17.18 -28.52 -13.08
N ARG A 212 17.78 -29.54 -12.47
CA ARG A 212 18.41 -30.64 -13.19
C ARG A 212 17.47 -31.84 -13.16
N THR A 213 16.86 -32.14 -14.31
CA THR A 213 15.91 -33.23 -14.41
C THR A 213 16.61 -34.44 -15.02
N GLU A 214 16.92 -35.44 -14.18
CA GLU A 214 17.60 -36.66 -14.63
C GLU A 214 16.60 -37.54 -15.37
N CYS A 215 16.35 -37.18 -16.63
CA CYS A 215 15.39 -37.92 -17.45
C CYS A 215 15.88 -39.36 -17.70
N SER A 216 17.14 -39.50 -18.11
CA SER A 216 17.74 -40.79 -18.36
C SER A 216 19.01 -40.92 -17.53
N CYS A 217 19.70 -42.05 -17.67
CA CYS A 217 20.98 -42.24 -17.00
C CYS A 217 22.12 -41.86 -17.95
N ASP A 218 23.14 -41.21 -17.39
CA ASP A 218 24.23 -40.59 -18.14
C ASP A 218 23.72 -39.47 -19.05
N HIS A 219 22.57 -38.90 -18.72
CA HIS A 219 21.93 -37.89 -19.57
C HIS A 219 20.92 -37.14 -18.72
N TYR A 220 21.16 -35.84 -18.51
CA TYR A 220 20.25 -35.04 -17.70
C TYR A 220 20.11 -33.64 -18.31
N ASP A 221 18.88 -33.16 -18.36
CA ASP A 221 18.59 -31.81 -18.81
C ASP A 221 18.44 -30.91 -17.59
N THR A 222 19.01 -29.70 -17.67
CA THR A 222 18.94 -28.75 -16.58
C THR A 222 18.49 -27.39 -17.09
N THR A 223 17.47 -26.82 -16.45
CA THR A 223 17.15 -25.41 -16.58
C THR A 223 17.71 -24.66 -15.39
N VAL A 224 17.95 -23.36 -15.58
CA VAL A 224 18.38 -22.48 -14.51
C VAL A 224 17.46 -21.26 -14.51
N LYS A 225 16.60 -21.16 -13.49
CA LYS A 225 15.64 -20.07 -13.37
C LYS A 225 16.02 -19.18 -12.20
N LEU A 226 15.82 -17.88 -12.36
CA LEU A 226 16.01 -16.93 -11.27
C LEU A 226 14.68 -16.75 -10.55
N LEU A 227 14.62 -17.21 -9.30
CA LEU A 227 13.35 -17.21 -8.58
C LEU A 227 13.37 -16.18 -7.47
N PRO A 228 12.28 -15.40 -7.32
CA PRO A 228 12.28 -14.30 -6.35
C PRO A 228 12.10 -14.79 -4.91
N SER A 229 11.33 -15.86 -4.72
CA SER A 229 11.09 -16.43 -3.41
C SER A 229 11.43 -17.92 -3.42
N LEU A 230 11.50 -18.50 -2.23
CA LEU A 230 11.83 -19.92 -2.04
C LEU A 230 10.68 -20.61 -1.34
N SER A 231 10.02 -21.53 -2.04
CA SER A 231 8.84 -22.21 -1.51
C SER A 231 9.27 -23.43 -0.71
N ILE A 232 8.88 -23.47 0.56
CA ILE A 232 9.06 -24.65 1.41
C ILE A 232 7.70 -25.35 1.43
N SER A 233 7.53 -26.32 0.54
CA SER A 233 6.22 -26.90 0.30
C SER A 233 6.34 -28.41 0.09
N GLY A 234 5.26 -29.12 0.40
CA GLY A 234 5.10 -30.52 0.08
C GLY A 234 6.27 -31.42 0.45
N ILE A 235 6.49 -31.61 1.75
CA ILE A 235 7.68 -32.30 2.25
C ILE A 235 7.29 -33.67 2.78
N ASN A 236 8.12 -34.67 2.48
CA ASN A 236 7.89 -36.05 2.88
C ASN A 236 8.56 -36.31 4.23
N LYS A 237 8.71 -37.59 4.60
CA LYS A 237 9.42 -37.98 5.81
C LYS A 237 10.80 -37.32 5.84
N THR A 238 11.02 -36.49 6.87
CA THR A 238 12.14 -35.56 6.87
C THR A 238 12.74 -35.44 8.26
N VAL A 239 14.06 -35.28 8.30
CA VAL A 239 14.76 -35.09 9.57
C VAL A 239 14.31 -33.79 10.20
N ILE A 240 13.70 -33.88 11.39
CA ILE A 240 13.28 -32.72 12.14
C ILE A 240 13.71 -32.87 13.59
N LYS A 241 14.14 -34.08 13.96
CA LYS A 241 14.42 -34.41 15.36
C LYS A 241 15.89 -34.18 15.72
N GLN A 242 16.79 -34.87 15.03
CA GLN A 242 18.22 -34.74 15.33
C GLN A 242 18.75 -33.42 14.78
N LEU A 243 20.01 -33.13 15.13
CA LEU A 243 20.66 -31.90 14.70
C LEU A 243 20.88 -31.89 13.19
N GLY A 249 18.90 -27.89 16.81
CA GLY A 249 18.65 -29.15 16.16
C GLY A 249 17.30 -29.22 15.49
N GLN A 250 16.24 -28.94 16.26
CA GLN A 250 14.88 -28.87 15.74
C GLN A 250 14.55 -27.51 15.14
N ASN A 251 15.57 -26.71 14.81
CA ASN A 251 15.39 -25.33 14.41
C ASN A 251 14.84 -25.25 12.98
N ILE A 252 14.70 -24.01 12.50
CA ILE A 252 14.16 -23.75 11.16
C ILE A 252 15.20 -24.04 10.08
N LEU A 253 16.48 -23.90 10.43
CA LEU A 253 17.58 -23.94 9.46
C LEU A 253 17.52 -25.13 8.50
N PRO A 254 17.30 -26.37 8.95
CA PRO A 254 17.24 -27.48 7.97
C PRO A 254 16.14 -27.32 6.94
N TYR A 255 15.02 -26.67 7.28
CA TYR A 255 13.95 -26.51 6.32
C TYR A 255 14.39 -25.63 5.14
N ILE A 256 15.15 -24.58 5.43
CA ILE A 256 15.74 -23.78 4.36
C ILE A 256 16.74 -24.63 3.57
N GLU A 257 17.47 -25.51 4.26
CA GLU A 257 18.47 -26.33 3.60
C GLU A 257 17.83 -27.27 2.58
N TYR A 258 16.73 -27.94 2.96
CA TYR A 258 16.05 -28.82 2.02
C TYR A 258 15.54 -28.06 0.81
N ALA A 259 14.93 -26.90 1.04
CA ALA A 259 14.36 -26.13 -0.07
C ALA A 259 15.43 -25.61 -1.02
N MET A 260 16.69 -25.56 -0.59
CA MET A 260 17.80 -25.11 -1.41
C MET A 260 18.63 -26.25 -2.00
N LYS A 261 18.48 -27.47 -1.48
CA LYS A 261 19.16 -28.64 -2.01
C LYS A 261 18.29 -29.85 -1.70
N ASN A 262 17.62 -30.38 -2.72
CA ASN A 262 16.65 -31.47 -2.65
C ASN A 262 16.35 -31.97 -4.06
N VAL A 263 16.14 -33.26 -4.20
CA VAL A 263 15.80 -33.83 -5.49
C VAL A 263 14.79 -34.95 -5.24
N THR A 264 13.68 -34.93 -5.95
CA THR A 264 12.50 -35.74 -5.66
C THR A 264 12.27 -36.82 -6.71
N GLN A 265 11.48 -37.84 -6.38
CA GLN A 265 11.25 -38.99 -7.24
C GLN A 265 9.78 -39.09 -7.67
N LYS A 266 9.19 -37.96 -8.03
CA LYS A 266 7.77 -37.92 -8.39
C LYS A 266 7.55 -36.95 -9.53
N ASN A 267 7.00 -37.43 -10.64
CA ASN A 267 6.62 -36.63 -11.79
C ASN A 267 5.76 -37.50 -12.69
N SER A 268 5.44 -37.00 -13.88
CA SER A 268 4.65 -37.75 -14.84
C SER A 268 5.03 -37.39 -16.28
N THR A 276 3.90 -41.32 -17.41
CA THR A 276 4.08 -42.70 -17.00
C THR A 276 5.56 -43.01 -16.78
N GLU A 277 6.32 -42.00 -16.37
CA GLU A 277 7.77 -42.11 -16.25
C GLU A 277 8.29 -42.03 -14.81
N THR A 278 7.69 -41.19 -13.97
CA THR A 278 8.21 -40.90 -12.63
C THR A 278 9.68 -40.46 -12.74
N ILE A 279 9.83 -39.28 -13.33
CA ILE A 279 11.15 -38.67 -13.52
C ILE A 279 11.61 -38.06 -12.21
N THR A 280 12.89 -38.22 -11.91
CA THR A 280 13.52 -37.62 -10.74
C THR A 280 14.34 -36.42 -11.17
N GLN A 281 14.22 -35.32 -10.43
CA GLN A 281 14.69 -34.01 -10.84
C GLN A 281 15.44 -33.28 -9.74
N GLU A 282 16.43 -32.48 -10.12
CA GLU A 282 17.34 -31.85 -9.17
C GLU A 282 17.13 -30.36 -9.09
N CYS A 283 17.10 -29.85 -7.86
CA CYS A 283 16.99 -28.41 -7.59
C CYS A 283 18.04 -28.01 -6.57
N THR A 284 18.90 -27.06 -6.95
CA THR A 284 19.86 -26.47 -6.01
C THR A 284 20.11 -25.03 -6.39
N VAL A 285 20.43 -24.20 -5.38
CA VAL A 285 20.68 -22.78 -5.56
C VAL A 285 22.15 -22.49 -5.26
N LYS A 286 22.82 -21.85 -6.22
CA LYS A 286 24.21 -21.42 -6.07
C LYS A 286 24.30 -19.94 -5.72
N ASN A 287 23.35 -19.46 -4.92
CA ASN A 287 23.24 -18.03 -4.64
C ASN A 287 22.70 -17.83 -3.23
N LEU A 288 23.31 -16.91 -2.49
CA LEU A 288 22.82 -16.46 -1.18
C LEU A 288 22.48 -14.97 -1.31
N PRO A 289 21.25 -14.64 -1.65
CA PRO A 289 20.91 -13.25 -1.98
C PRO A 289 20.69 -12.41 -0.72
N SER A 290 20.66 -11.10 -0.93
CA SER A 290 20.66 -10.15 0.18
C SER A 290 19.47 -10.38 1.10
N VAL A 291 18.32 -10.76 0.55
CA VAL A 291 17.15 -11.10 1.36
C VAL A 291 16.54 -12.39 0.82
N LEU A 292 15.87 -13.11 1.72
CA LEU A 292 15.31 -14.42 1.41
C LEU A 292 13.84 -14.44 1.81
N SER A 293 12.95 -14.36 0.82
CA SER A 293 11.52 -14.46 1.05
C SER A 293 11.13 -15.93 1.05
N LEU A 294 10.80 -16.46 2.22
CA LEU A 294 10.46 -17.87 2.40
C LEU A 294 8.94 -18.02 2.44
N GLU A 295 8.38 -18.83 1.55
CA GLU A 295 6.96 -19.11 1.51
C GLU A 295 6.73 -20.45 2.21
N LEU A 296 6.43 -20.40 3.50
CA LEU A 296 6.22 -21.60 4.29
C LEU A 296 4.83 -22.16 4.03
N SER A 297 4.78 -23.45 3.65
CA SER A 297 3.51 -24.12 3.33
C SER A 297 3.63 -25.58 3.80
N LEU A 298 3.11 -25.88 4.98
CA LEU A 298 3.17 -27.23 5.55
C LEU A 298 1.76 -27.77 5.79
N LEU A 299 1.70 -28.92 6.44
CA LEU A 299 0.46 -29.56 6.85
C LEU A 299 0.18 -29.25 8.31
N ASP A 300 -1.10 -29.39 8.70
CA ASP A 300 -1.49 -29.13 10.07
C ASP A 300 -0.90 -30.16 11.03
N THR A 301 -0.67 -31.39 10.55
CA THR A 301 0.05 -32.36 11.36
C THR A 301 1.48 -31.89 11.61
N GLU A 302 2.18 -31.50 10.54
CA GLU A 302 3.52 -30.94 10.69
C GLU A 302 3.50 -29.57 11.36
N PHE A 303 2.36 -28.88 11.37
CA PHE A 303 2.32 -27.51 11.88
C PHE A 303 2.25 -27.41 13.39
N SER A 304 1.78 -28.44 14.10
CA SER A 304 1.78 -28.37 15.56
C SER A 304 3.00 -29.04 16.18
N ASN A 305 3.71 -29.89 15.45
CA ASN A 305 5.00 -30.36 15.98
C ASN A 305 6.01 -29.23 16.03
N ILE A 306 6.03 -28.40 15.00
CA ILE A 306 6.93 -27.25 14.90
C ILE A 306 6.64 -26.25 16.01
N ARG A 307 5.40 -26.18 16.47
CA ARG A 307 5.05 -25.26 17.55
C ARG A 307 5.67 -25.67 18.87
N SER A 308 5.81 -26.99 19.10
CA SER A 308 6.25 -27.49 20.40
C SER A 308 7.76 -27.44 20.56
N SER A 309 8.52 -27.34 19.48
CA SER A 309 9.98 -27.22 19.57
C SER A 309 10.31 -25.77 19.83
N LYS A 310 10.64 -25.45 21.10
CA LYS A 310 10.82 -24.07 21.51
C LYS A 310 11.95 -23.41 20.74
N ASN A 311 11.80 -22.10 20.52
CA ASN A 311 12.76 -21.32 19.75
C ASN A 311 12.92 -21.88 18.34
N TRP A 312 11.79 -22.23 17.71
CA TRP A 312 11.89 -22.91 16.42
C TRP A 312 12.40 -21.99 15.33
N LEU A 313 12.05 -20.72 15.37
CA LEU A 313 12.60 -19.77 14.41
C LEU A 313 14.06 -19.50 14.76
N THR A 314 14.65 -18.55 14.05
CA THR A 314 16.00 -18.11 14.36
C THR A 314 16.09 -16.62 14.09
N SER A 315 16.55 -15.89 15.09
CA SER A 315 16.72 -14.44 14.94
C SER A 315 17.79 -14.13 13.90
N GLU A 316 18.95 -14.77 14.03
CA GLU A 316 20.08 -14.51 13.15
C GLU A 316 20.80 -15.82 12.84
N PHE A 317 21.09 -16.05 11.56
CA PHE A 317 21.85 -17.21 11.12
C PHE A 317 22.98 -16.76 10.20
N TYR A 318 24.04 -17.55 10.15
CA TYR A 318 25.14 -17.37 9.22
C TYR A 318 25.28 -18.61 8.37
N GLY A 319 25.77 -18.44 7.14
CA GLY A 319 25.95 -19.58 6.26
C GLY A 319 26.56 -19.19 4.94
N SER A 320 27.19 -20.17 4.31
CA SER A 320 27.71 -20.07 2.95
C SER A 320 27.43 -21.39 2.24
N ILE A 321 28.02 -21.56 1.06
CA ILE A 321 27.89 -22.80 0.30
C ILE A 321 29.28 -23.41 0.16
N ILE A 322 29.44 -24.62 0.71
CA ILE A 322 30.72 -25.32 0.66
C ILE A 322 30.75 -26.16 -0.62
N LYS A 323 29.85 -27.13 -0.72
CA LYS A 323 29.64 -27.85 -1.95
C LYS A 323 28.64 -27.07 -2.80
N ASN A 324 28.11 -27.69 -3.85
CA ASN A 324 26.95 -27.08 -4.49
C ASN A 324 25.67 -27.31 -3.70
N LYS A 325 25.76 -27.94 -2.54
CA LYS A 325 24.69 -27.94 -1.55
C LYS A 325 24.78 -26.66 -0.73
N ALA A 326 23.82 -26.47 0.17
CA ALA A 326 23.76 -25.27 1.00
C ALA A 326 23.06 -25.61 2.30
N VAL A 327 23.80 -25.52 3.40
CA VAL A 327 23.21 -25.53 4.74
C VAL A 327 23.91 -24.46 5.56
N LEU A 328 23.14 -23.83 6.46
CA LEU A 328 23.65 -22.79 7.32
C LEU A 328 23.55 -23.24 8.78
N ARG A 329 24.49 -22.78 9.58
CA ARG A 329 24.49 -23.07 11.01
C ARG A 329 23.80 -21.93 11.76
N SER A 330 23.74 -22.06 13.08
CA SER A 330 23.04 -21.09 13.93
C SER A 330 24.00 -20.04 14.48
N THR A 331 24.96 -19.63 13.65
CA THR A 331 26.15 -18.86 14.04
C THR A 331 27.00 -19.67 15.01
N ALA A 332 26.59 -20.90 15.29
CA ALA A 332 27.50 -21.91 15.81
C ALA A 332 28.44 -22.29 14.69
N SER A 333 29.70 -21.92 14.83
CA SER A 333 30.65 -21.84 13.73
C SER A 333 30.99 -23.24 13.21
N GLU A 334 30.04 -23.88 12.53
CA GLU A 334 30.14 -25.25 12.05
C GLU A 334 30.50 -25.33 10.57
N LEU A 335 31.36 -24.42 10.11
CA LEU A 335 31.59 -24.22 8.68
C LEU A 335 32.80 -25.06 8.25
N LYS A 336 32.52 -26.12 7.50
CA LYS A 336 33.51 -27.15 7.20
C LYS A 336 34.64 -26.59 6.35
N GLY A 337 34.31 -25.77 5.36
CA GLY A 337 35.28 -24.95 4.67
C GLY A 337 34.77 -23.52 4.66
N THR A 338 35.62 -22.59 4.23
CA THR A 338 35.19 -21.20 4.20
C THR A 338 35.70 -20.48 2.96
N SER A 339 34.74 -19.81 2.33
CA SER A 339 34.84 -18.78 1.31
C SER A 339 33.60 -17.93 1.55
N HIS A 340 33.50 -16.78 0.86
CA HIS A 340 32.78 -15.60 1.34
C HIS A 340 31.57 -15.90 2.22
N ILE A 341 31.56 -15.33 3.44
CA ILE A 341 30.59 -15.66 4.49
C ILE A 341 29.48 -14.62 4.47
N PHE A 342 28.26 -15.07 4.77
CA PHE A 342 27.09 -14.20 4.79
C PHE A 342 26.33 -14.38 6.10
N LYS A 343 25.95 -13.28 6.73
CA LYS A 343 25.18 -13.28 7.97
C LYS A 343 23.78 -12.74 7.72
N TYR A 344 22.78 -13.46 8.20
CA TYR A 344 21.38 -13.12 7.99
C TYR A 344 20.67 -12.97 9.33
N GLU A 345 20.01 -11.84 9.52
CA GLU A 345 19.09 -11.64 10.64
C GLU A 345 17.67 -11.61 10.10
N LEU A 346 16.71 -12.02 10.94
CA LEU A 346 15.31 -11.97 10.53
C LEU A 346 14.83 -10.52 10.51
N ASN A 347 14.19 -10.13 9.42
CA ASN A 347 13.69 -8.77 9.27
C ASN A 347 12.18 -8.67 9.52
N GLY A 348 11.40 -9.64 9.08
CA GLY A 348 9.98 -9.66 9.38
C GLY A 348 9.35 -10.96 8.92
N TYR A 349 8.08 -11.13 9.28
CA TYR A 349 7.31 -12.27 8.78
C TYR A 349 5.82 -12.04 8.99
N VAL A 350 5.02 -12.83 8.28
CA VAL A 350 3.57 -12.71 8.24
C VAL A 350 2.96 -14.00 8.77
N ALA A 351 2.27 -13.92 9.90
CA ALA A 351 1.65 -15.06 10.53
C ALA A 351 0.13 -15.03 10.37
N LYS A 352 -0.47 -16.20 10.29
CA LYS A 352 -1.92 -16.35 10.14
C LYS A 352 -2.55 -16.57 11.51
N ILE A 353 -3.60 -15.80 11.80
CA ILE A 353 -4.28 -15.85 13.08
C ILE A 353 -5.63 -16.51 12.87
N THR A 354 -5.85 -17.65 13.53
CA THR A 354 -7.14 -18.32 13.55
C THR A 354 -7.89 -17.91 14.82
N ASP A 355 -9.03 -17.25 14.63
CA ASP A 355 -9.76 -16.64 15.73
C ASP A 355 -10.26 -17.69 16.71
N ASN A 356 -10.64 -17.21 17.90
CA ASN A 356 -11.41 -18.03 18.82
C ASN A 356 -12.82 -18.28 18.29
N ASN A 357 -13.32 -17.39 17.45
CA ASN A 357 -14.57 -17.60 16.72
C ASN A 357 -14.35 -18.23 15.35
N ASN A 358 -13.13 -18.70 15.08
CA ASN A 358 -12.75 -19.43 13.87
C ASN A 358 -12.72 -18.55 12.62
N GLU A 359 -12.62 -17.23 12.79
CA GLU A 359 -12.28 -16.39 11.65
C GLU A 359 -10.76 -16.38 11.48
N THR A 360 -10.30 -15.88 10.32
CA THR A 360 -8.88 -15.86 10.04
C THR A 360 -8.46 -14.50 9.50
N ARG A 361 -7.31 -14.02 9.97
CA ARG A 361 -6.68 -12.82 9.46
C ARG A 361 -5.18 -13.03 9.43
N LEU A 362 -4.48 -12.07 8.82
CA LEU A 362 -3.03 -12.10 8.74
C LEU A 362 -2.45 -10.88 9.44
N VAL A 363 -1.36 -11.09 10.18
CA VAL A 363 -0.66 -10.03 10.89
C VAL A 363 0.80 -10.06 10.45
N THR A 364 1.53 -9.00 10.81
CA THR A 364 2.88 -8.81 10.33
C THR A 364 3.78 -8.41 11.48
N TYR A 365 4.76 -9.27 11.80
CA TYR A 365 5.81 -8.93 12.73
C TYR A 365 7.00 -8.37 11.96
N VAL A 366 7.67 -7.38 12.55
CA VAL A 366 8.67 -6.59 11.85
C VAL A 366 9.72 -6.14 12.85
N LYS A 367 10.99 -6.15 12.43
CA LYS A 367 12.08 -5.58 13.19
C LYS A 367 12.63 -4.37 12.46
N LYS A 368 12.94 -3.30 13.21
CA LYS A 368 13.57 -2.12 12.65
C LYS A 368 14.71 -1.66 13.54
N TYR A 369 15.83 -1.32 12.90
CA TYR A 369 17.05 -0.91 13.59
C TYR A 369 17.08 0.61 13.71
N ASN A 370 17.60 1.09 14.83
CA ASN A 370 17.66 2.53 15.06
C ASN A 370 19.08 3.04 14.89
N PRO A 371 19.30 4.08 14.09
CA PRO A 371 20.68 4.57 13.85
C PRO A 371 21.28 5.37 14.99
N LYS A 372 20.50 5.77 15.99
CA LYS A 372 21.01 6.51 17.13
C LYS A 372 21.50 5.62 18.26
N GLU A 373 21.27 4.31 18.16
CA GLU A 373 21.68 3.34 19.17
C GLU A 373 21.51 1.95 18.60
N ASN A 374 22.43 1.05 18.91
CA ASN A 374 22.39 -0.29 18.34
C ASN A 374 21.25 -1.09 18.95
N CYS A 375 20.07 -1.07 18.32
CA CYS A 375 18.90 -1.69 18.93
C CYS A 375 17.94 -2.16 17.85
N PHE A 376 17.15 -3.16 18.20
CA PHE A 376 16.08 -3.69 17.36
C PHE A 376 14.76 -3.47 18.06
N LYS A 377 13.87 -2.71 17.41
CA LYS A 377 12.50 -2.54 17.87
C LYS A 377 11.59 -3.42 17.02
N TRP A 378 10.74 -4.19 17.67
CA TRP A 378 9.87 -5.16 16.99
C TRP A 378 8.43 -4.68 17.04
N LEU A 379 7.79 -4.64 15.86
CA LEU A 379 6.43 -4.15 15.72
C LEU A 379 5.55 -5.26 15.16
N MET A 380 4.29 -5.27 15.59
CA MET A 380 3.27 -6.17 15.06
C MET A 380 2.14 -5.32 14.47
N PHE A 381 1.66 -5.73 13.31
CA PHE A 381 0.68 -4.94 12.55
C PHE A 381 -0.57 -5.79 12.34
N ASN A 382 -1.57 -5.59 13.19
CA ASN A 382 -2.93 -5.87 12.75
C ASN A 382 -3.39 -4.70 11.87
N ASP A 383 -4.55 -4.87 11.23
CA ASP A 383 -4.93 -4.02 10.10
C ASP A 383 -4.61 -2.54 10.32
N TYR A 384 -5.25 -1.93 11.32
CA TYR A 384 -4.85 -0.59 11.77
C TYR A 384 -4.38 -0.60 13.21
N LEU A 385 -4.22 -1.79 13.82
CA LEU A 385 -3.69 -1.92 15.17
C LEU A 385 -2.19 -2.12 15.07
N VAL A 386 -1.42 -1.12 15.46
CA VAL A 386 0.04 -1.15 15.41
C VAL A 386 0.55 -0.95 16.83
N VAL A 387 1.28 -1.93 17.34
CA VAL A 387 1.70 -1.93 18.74
C VAL A 387 3.14 -2.42 18.82
N GLU A 388 3.96 -1.74 19.62
CA GLU A 388 5.35 -2.14 19.82
C GLU A 388 5.43 -3.24 20.86
N ILE A 389 6.07 -4.37 20.49
CA ILE A 389 6.12 -5.55 21.34
C ILE A 389 7.58 -6.01 21.50
N THR A 390 7.79 -6.88 22.49
CA THR A 390 9.12 -7.37 22.81
C THR A 390 9.52 -8.52 21.88
N GLU A 391 10.83 -8.71 21.71
CA GLU A 391 11.32 -9.74 20.81
C GLU A 391 10.84 -11.12 21.21
N GLU A 392 10.79 -11.38 22.53
CA GLU A 392 10.43 -12.71 23.00
C GLU A 392 9.04 -13.12 22.53
N GLU A 393 8.08 -12.20 22.62
CA GLU A 393 6.72 -12.51 22.18
C GLU A 393 6.61 -12.54 20.67
N ALA A 394 7.48 -11.81 19.97
CA ALA A 394 7.39 -11.72 18.52
C ALA A 394 7.82 -13.01 17.85
N LEU A 395 8.72 -13.77 18.47
CA LEU A 395 9.21 -15.00 17.89
C LEU A 395 8.46 -16.24 18.37
N LYS A 396 7.79 -16.16 19.51
CA LYS A 396 7.15 -17.34 20.10
C LYS A 396 6.13 -17.95 19.14
N MET A 397 6.11 -19.28 19.09
CA MET A 397 5.18 -20.02 18.24
C MET A 397 4.35 -21.04 19.01
N THR A 398 4.45 -21.06 20.35
CA THR A 398 3.70 -22.03 21.12
C THR A 398 2.19 -21.85 20.97
N TYR A 399 1.75 -20.69 20.49
CA TYR A 399 0.33 -20.37 20.37
C TYR A 399 -0.32 -21.12 19.23
N PRO A 400 -1.25 -22.04 19.50
CA PRO A 400 -1.82 -22.85 18.42
C PRO A 400 -2.54 -22.03 17.37
N TRP A 401 -3.13 -20.89 17.75
CA TRP A 401 -3.87 -20.05 16.81
C TRP A 401 -2.98 -19.28 15.86
N LYS A 402 -1.66 -19.49 15.88
CA LYS A 402 -0.71 -18.69 15.11
C LYS A 402 0.22 -19.61 14.34
N THR A 403 0.17 -19.53 13.01
CA THR A 403 1.09 -20.26 12.16
C THR A 403 1.79 -19.29 11.22
N PRO A 404 3.07 -19.53 10.90
CA PRO A 404 3.80 -18.62 10.01
C PRO A 404 3.56 -18.97 8.54
N GLU A 405 3.44 -17.93 7.72
CA GLU A 405 3.10 -18.10 6.32
C GLU A 405 4.16 -17.58 5.37
N ILE A 406 4.70 -16.39 5.63
CA ILE A 406 5.75 -15.82 4.79
C ILE A 406 6.83 -15.23 5.68
N ILE A 407 7.90 -15.98 5.88
CA ILE A 407 9.06 -15.49 6.60
C ILE A 407 10.02 -14.89 5.62
N ILE A 408 10.68 -13.81 6.00
CA ILE A 408 11.77 -13.26 5.20
C ILE A 408 12.97 -13.06 6.11
N TYR A 409 14.16 -13.34 5.57
CA TYR A 409 15.43 -13.05 6.24
C TYR A 409 16.20 -12.05 5.40
N CYS A 410 17.00 -11.23 6.06
CA CYS A 410 17.71 -10.14 5.39
C CYS A 410 19.17 -10.10 5.85
N ASP A 411 20.04 -9.66 4.95
CA ASP A 411 21.46 -9.50 5.28
C ASP A 411 21.62 -8.53 6.45
N ALA A 412 22.46 -8.91 7.41
CA ALA A 412 22.57 -8.15 8.64
C ALA A 412 23.07 -6.73 8.40
N GLU A 413 24.20 -6.59 7.68
CA GLU A 413 24.82 -5.29 7.50
C GLU A 413 23.92 -4.31 6.76
N GLU A 414 22.96 -4.81 5.98
CA GLU A 414 22.06 -3.93 5.23
C GLU A 414 20.65 -3.87 5.81
N LEU A 415 20.36 -4.71 6.82
CA LEU A 415 19.21 -4.42 7.68
C LEU A 415 19.50 -3.22 8.57
N ARG A 416 20.75 -3.09 9.00
CA ARG A 416 21.21 -1.93 9.75
C ARG A 416 21.43 -0.72 8.86
N LYS A 417 21.02 -0.78 7.60
CA LYS A 417 21.07 0.35 6.69
C LYS A 417 19.83 1.23 6.88
N PRO A 418 19.97 2.54 6.79
CA PRO A 418 18.83 3.44 7.03
C PRO A 418 17.80 3.34 5.92
N PHE A 419 16.62 3.91 6.22
CA PHE A 419 15.56 4.08 5.24
C PHE A 419 15.64 5.51 4.72
N PHE A 420 15.65 5.66 3.39
CA PHE A 420 15.90 6.95 2.76
C PHE A 420 14.64 7.44 2.07
N SER A 421 14.31 8.70 2.30
CA SER A 421 13.16 9.32 1.67
C SER A 421 13.36 9.37 0.15
N VAL A 422 12.27 9.70 -0.55
CA VAL A 422 12.39 9.91 -1.99
C VAL A 422 12.96 11.28 -2.29
N ASP A 423 12.64 12.28 -1.47
CA ASP A 423 13.25 13.60 -1.63
C ASP A 423 14.68 13.64 -1.10
N THR A 424 15.25 12.50 -0.73
CA THR A 424 16.70 12.41 -0.65
C THR A 424 17.32 12.65 -2.02
N TYR A 425 16.62 12.26 -3.07
CA TYR A 425 17.00 12.50 -4.45
C TYR A 425 16.24 13.73 -4.95
N SER A 426 16.44 14.07 -6.22
CA SER A 426 15.73 15.18 -6.86
C SER A 426 14.88 14.63 -7.98
N ILE A 427 13.62 15.10 -8.05
CA ILE A 427 12.56 14.43 -8.77
C ILE A 427 12.30 15.14 -10.10
N ASN A 428 11.86 14.35 -11.08
CA ASN A 428 11.33 14.89 -12.32
C ASN A 428 9.91 15.41 -12.07
N TYR A 429 9.74 16.73 -12.16
CA TYR A 429 8.44 17.37 -12.00
C TYR A 429 7.78 17.68 -13.33
N ASP A 430 8.21 17.05 -14.42
CA ASP A 430 7.89 17.60 -15.73
C ASP A 430 6.39 17.67 -15.97
N ILE A 431 5.67 16.59 -15.69
CA ILE A 431 4.23 16.51 -16.00
C ILE A 431 3.43 17.68 -15.44
N LEU A 432 4.00 18.47 -14.54
CA LEU A 432 3.36 19.69 -14.11
C LEU A 432 3.35 20.72 -15.25
N PHE A 433 4.40 20.73 -16.06
CA PHE A 433 4.54 21.67 -17.17
C PHE A 433 4.37 21.01 -18.54
N ARG A 434 3.93 19.75 -18.58
CA ARG A 434 3.71 19.09 -19.85
C ARG A 434 2.28 18.55 -19.94
N ASP A 435 2.01 17.98 -21.11
CA ASP A 435 0.73 17.38 -21.43
C ASP A 435 0.96 15.93 -21.81
N TYR A 436 0.16 15.04 -21.21
CA TYR A 436 0.24 13.60 -21.43
C TYR A 436 -1.20 13.11 -21.51
N PHE A 437 -1.78 13.17 -22.70
CA PHE A 437 -3.18 12.82 -22.92
C PHE A 437 -3.27 11.48 -23.65
N ALA A 438 -4.18 10.62 -23.17
CA ALA A 438 -4.47 9.35 -23.82
C ALA A 438 -5.72 9.40 -24.69
N ASN A 439 -6.31 10.59 -24.84
CA ASN A 439 -7.54 10.78 -25.61
C ASN A 439 -7.22 11.47 -26.92
N GLY A 440 -8.25 11.62 -27.75
CA GLY A 440 -8.13 12.36 -28.98
C GLY A 440 -8.15 13.87 -28.73
N ILE A 441 -9.13 14.32 -27.96
CA ILE A 441 -9.27 15.72 -27.58
C ILE A 441 -9.30 16.63 -28.81
N ARG A 447 -12.95 22.77 -21.43
CA ARG A 447 -11.89 23.01 -20.44
C ARG A 447 -11.02 24.20 -20.85
N GLU A 448 -11.44 25.40 -20.44
CA GLU A 448 -10.71 26.63 -20.76
C GLU A 448 -9.70 26.90 -19.64
N TYR A 449 -8.57 26.19 -19.70
CA TYR A 449 -7.53 26.24 -18.68
C TYR A 449 -6.19 26.46 -19.38
N LYS A 450 -5.21 26.98 -18.63
CA LYS A 450 -3.89 27.29 -19.16
C LYS A 450 -2.82 26.59 -18.33
N LEU A 451 -1.87 25.95 -19.02
CA LEU A 451 -0.83 25.14 -18.39
C LEU A 451 0.25 26.03 -17.78
N LEU A 452 1.06 25.41 -16.92
CA LEU A 452 2.06 26.06 -16.09
C LEU A 452 3.27 26.47 -16.92
N THR A 453 4.09 27.36 -16.35
CA THR A 453 5.30 27.85 -16.99
C THR A 453 6.42 27.87 -15.96
N HIS A 454 7.65 27.67 -16.41
CA HIS A 454 8.74 27.44 -15.47
C HIS A 454 9.06 28.64 -14.59
N ASP A 455 8.55 29.84 -14.93
CA ASP A 455 8.57 30.91 -13.94
C ASP A 455 7.51 30.71 -12.87
N GLU A 456 6.55 29.83 -13.11
CA GLU A 456 5.59 29.39 -12.10
C GLU A 456 6.07 28.09 -11.45
N ALA A 457 7.25 28.15 -10.87
CA ALA A 457 7.78 26.99 -10.15
C ALA A 457 7.11 26.92 -8.79
N PRO A 458 6.23 25.94 -8.56
CA PRO A 458 5.54 25.86 -7.27
C PRO A 458 6.55 25.60 -6.15
N LYS A 459 6.57 26.48 -5.17
CA LYS A 459 7.46 26.35 -4.04
C LYS A 459 6.68 25.89 -2.81
N SER A 460 7.36 25.81 -1.68
CA SER A 460 6.72 25.41 -0.43
C SER A 460 5.82 26.55 0.05
N GLY A 461 4.52 26.41 -0.16
CA GLY A 461 3.57 27.40 0.30
C GLY A 461 2.71 28.01 -0.78
N THR A 462 2.75 27.43 -1.98
CA THR A 462 1.98 27.96 -3.10
C THR A 462 0.50 27.61 -2.91
N LEU A 463 -0.32 28.63 -2.68
CA LEU A 463 -1.74 28.44 -2.42
C LEU A 463 -2.48 28.41 -3.75
N VAL A 464 -2.96 27.23 -4.14
CA VAL A 464 -3.79 27.06 -5.32
C VAL A 464 -4.87 26.02 -4.99
N ALA A 465 -6.02 26.11 -5.66
CA ALA A 465 -7.22 25.39 -5.27
C ALA A 465 -7.36 24.06 -6.01
N ILE A 466 -7.98 23.09 -5.33
CA ILE A 466 -8.14 21.72 -5.83
C ILE A 466 -9.58 21.28 -5.60
N ASP A 467 -10.14 20.57 -6.59
CA ASP A 467 -11.45 19.94 -6.46
C ASP A 467 -11.51 18.74 -7.40
N ALA A 468 -12.01 17.62 -6.91
CA ALA A 468 -12.08 16.38 -7.69
C ALA A 468 -13.44 15.74 -7.54
N ALA A 469 -13.89 15.09 -8.61
CA ALA A 469 -15.15 14.37 -8.65
C ALA A 469 -14.89 12.89 -8.91
N PHE A 470 -15.74 12.04 -8.34
CA PHE A 470 -15.64 10.60 -8.53
C PHE A 470 -17.00 10.02 -8.89
N VAL A 471 -17.01 8.73 -9.22
CA VAL A 471 -18.20 8.03 -9.68
C VAL A 471 -18.38 6.75 -8.88
N SER A 472 -19.60 6.23 -8.89
CA SER A 472 -20.00 5.09 -8.07
C SER A 472 -19.93 3.80 -8.89
N LEU A 473 -19.30 2.77 -8.32
CA LEU A 473 -19.12 1.50 -9.01
C LEU A 473 -19.82 0.33 -8.30
N GLN A 474 -19.62 0.18 -7.00
CA GLN A 474 -20.31 -0.84 -6.21
C GLN A 474 -20.85 -0.20 -4.95
N SER A 475 -22.05 -0.61 -4.56
CA SER A 475 -22.77 -0.02 -3.43
C SER A 475 -22.45 -0.78 -2.14
N GLU A 476 -23.26 -0.51 -1.10
CA GLU A 476 -22.98 -0.98 0.26
C GLU A 476 -22.56 -2.45 0.30
N LEU A 477 -23.26 -3.31 -0.43
CA LEU A 477 -22.88 -4.72 -0.56
C LEU A 477 -22.60 -5.36 0.79
N CYS A 478 -23.58 -5.26 1.70
CA CYS A 478 -23.34 -5.53 3.11
C CYS A 478 -24.31 -6.55 3.68
N GLU A 479 -24.36 -6.63 5.01
CA GLU A 479 -25.23 -7.46 5.83
C GLU A 479 -24.77 -8.91 5.93
N ILE A 480 -23.56 -9.22 5.44
CA ILE A 480 -23.02 -10.56 5.66
C ILE A 480 -22.56 -10.70 7.11
N ASP A 481 -21.83 -9.72 7.62
CA ASP A 481 -21.38 -9.68 9.00
C ASP A 481 -21.86 -8.43 9.72
N HIS A 482 -22.84 -7.73 9.16
CA HIS A 482 -23.34 -6.50 9.77
C HIS A 482 -24.79 -6.66 10.21
N ILE A 489 -19.19 -7.91 5.49
CA ILE A 489 -19.24 -7.18 4.23
C ILE A 489 -19.46 -5.69 4.51
N ARG A 490 -18.98 -4.84 3.61
CA ARG A 490 -19.02 -3.40 3.80
C ARG A 490 -18.94 -2.73 2.44
N PRO A 491 -19.38 -1.47 2.32
CA PRO A 491 -19.24 -0.75 1.05
C PRO A 491 -17.78 -0.60 0.66
N LYS A 492 -17.48 -0.93 -0.60
CA LYS A 492 -16.09 -1.05 -1.03
C LYS A 492 -15.69 -0.08 -2.12
N ARG A 493 -16.42 -0.03 -3.24
CA ARG A 493 -15.88 0.47 -4.49
C ARG A 493 -16.41 1.86 -4.82
N THR A 494 -15.48 2.77 -5.14
CA THR A 494 -15.79 4.07 -5.73
C THR A 494 -14.51 4.61 -6.37
N ALA A 495 -14.62 5.11 -7.60
CA ALA A 495 -13.45 5.50 -8.38
C ALA A 495 -13.59 6.94 -8.87
N LEU A 496 -12.47 7.64 -8.93
CA LEU A 496 -12.45 9.05 -9.31
C LEU A 496 -12.37 9.22 -10.82
N ALA A 497 -12.93 10.31 -11.30
CA ALA A 497 -13.07 10.55 -12.73
C ALA A 497 -12.51 11.88 -13.19
N ARG A 498 -12.61 12.92 -12.38
CA ARG A 498 -12.20 14.25 -12.79
C ARG A 498 -11.52 14.96 -11.63
N ILE A 499 -10.58 15.85 -11.95
CA ILE A 499 -9.84 16.58 -10.94
C ILE A 499 -9.26 17.85 -11.56
N SER A 500 -9.42 18.98 -10.88
CA SER A 500 -8.99 20.28 -11.38
C SER A 500 -8.20 21.00 -10.30
N ILE A 501 -7.07 21.59 -10.69
CA ILE A 501 -6.29 22.46 -9.83
C ILE A 501 -6.14 23.80 -10.52
N ILE A 502 -6.59 24.87 -9.85
CA ILE A 502 -6.59 26.21 -10.41
C ILE A 502 -5.62 27.08 -9.63
N ARG A 503 -5.08 28.10 -10.32
CA ARG A 503 -4.10 28.97 -9.70
C ARG A 503 -4.76 29.88 -8.68
N GLY A 504 -4.22 29.90 -7.46
CA GLY A 504 -4.73 30.77 -6.42
C GLY A 504 -3.69 31.74 -5.89
N GLU A 505 -2.52 31.80 -6.54
CA GLU A 505 -1.51 32.78 -6.15
C GLU A 505 -1.90 34.15 -6.69
N GLU A 506 -1.95 35.15 -5.81
CA GLU A 506 -2.33 36.49 -6.21
C GLU A 506 -1.39 37.01 -7.30
N GLY A 507 -1.98 37.37 -8.44
CA GLY A 507 -1.18 37.82 -9.57
C GLY A 507 -2.02 37.82 -10.84
N GLU A 508 -1.32 38.03 -11.96
CA GLU A 508 -2.01 38.04 -13.25
C GLU A 508 -2.70 36.72 -13.52
N LEU A 509 -2.10 35.61 -13.08
CA LEU A 509 -2.70 34.29 -13.23
C LEU A 509 -3.27 33.85 -11.89
N TYR A 510 -4.48 34.33 -11.60
CA TYR A 510 -5.19 34.00 -10.36
C TYR A 510 -6.55 33.41 -10.72
N GLY A 511 -6.94 32.35 -10.01
CA GLY A 511 -8.19 31.68 -10.30
C GLY A 511 -8.20 30.88 -11.59
N VAL A 512 -7.08 30.79 -12.28
CA VAL A 512 -7.02 30.20 -13.62
C VAL A 512 -6.60 28.73 -13.49
N PRO A 513 -7.38 27.79 -14.01
CA PRO A 513 -7.00 26.37 -13.88
C PRO A 513 -5.81 26.02 -14.76
N PHE A 514 -5.03 25.05 -14.29
CA PHE A 514 -3.92 24.55 -15.10
C PHE A 514 -4.02 23.06 -15.39
N VAL A 515 -4.57 22.26 -14.48
CA VAL A 515 -4.91 20.88 -14.80
C VAL A 515 -6.41 20.70 -14.63
N ASP A 516 -7.06 20.17 -15.66
CA ASP A 516 -8.47 19.77 -15.65
C ASP A 516 -8.50 18.46 -16.43
N ASP A 517 -8.27 17.36 -15.72
CA ASP A 517 -8.03 16.07 -16.36
C ASP A 517 -9.12 15.10 -15.96
N TYR A 518 -9.76 14.48 -16.96
CA TYR A 518 -10.59 13.32 -16.70
C TYR A 518 -9.72 12.08 -16.68
N VAL A 519 -10.12 11.10 -15.87
CA VAL A 519 -9.31 9.93 -15.60
C VAL A 519 -9.88 8.74 -16.36
N VAL A 520 -9.00 7.94 -16.98
CA VAL A 520 -9.45 6.74 -17.67
C VAL A 520 -10.08 5.80 -16.67
N ASN A 521 -11.07 5.05 -17.13
CA ASN A 521 -11.64 3.98 -16.32
C ASN A 521 -12.32 2.99 -17.23
N THR A 522 -11.82 1.75 -17.23
CA THR A 522 -12.39 0.67 -18.02
C THR A 522 -13.38 -0.17 -17.23
N ASN A 523 -13.48 0.04 -15.92
CA ASN A 523 -14.31 -0.79 -15.06
C ASN A 523 -15.78 -0.45 -15.22
N HIS A 524 -16.63 -1.33 -14.69
CA HIS A 524 -18.07 -1.15 -14.80
C HIS A 524 -18.53 0.00 -13.91
N ILE A 525 -19.31 0.91 -14.48
CA ILE A 525 -19.89 2.03 -13.74
C ILE A 525 -21.33 1.66 -13.40
N GLU A 526 -21.74 1.91 -12.16
CA GLU A 526 -23.12 1.66 -11.75
C GLU A 526 -23.93 2.93 -11.55
N ASP A 527 -23.32 3.98 -11.01
CA ASP A 527 -24.01 5.27 -10.86
C ASP A 527 -23.06 6.38 -11.24
N TYR A 528 -23.43 7.13 -12.28
CA TYR A 528 -22.64 8.26 -12.76
C TYR A 528 -22.95 9.52 -11.93
N LEU A 529 -24.22 9.94 -11.92
CA LEU A 529 -24.76 10.94 -10.97
C LEU A 529 -24.08 12.32 -11.09
N THR A 530 -24.32 12.96 -12.23
CA THR A 530 -23.78 14.29 -12.51
C THR A 530 -24.53 15.43 -11.85
N ARG A 531 -25.68 15.18 -11.24
CA ARG A 531 -26.29 16.21 -10.40
C ARG A 531 -25.30 16.59 -9.30
N TYR A 532 -24.26 15.77 -9.14
CA TYR A 532 -23.18 16.02 -8.22
C TYR A 532 -21.77 15.79 -8.78
N SER A 533 -21.60 15.31 -10.02
CA SER A 533 -20.23 14.96 -10.41
C SER A 533 -19.66 15.66 -11.63
N GLY A 534 -20.49 16.03 -12.62
CA GLY A 534 -19.94 16.68 -13.79
C GLY A 534 -19.30 15.77 -14.81
N ILE A 535 -19.48 14.45 -14.68
CA ILE A 535 -18.90 13.46 -15.57
C ILE A 535 -19.85 13.21 -16.75
N LEU A 536 -19.42 13.54 -17.94
CA LEU A 536 -20.14 13.06 -19.12
C LEU A 536 -19.86 11.56 -19.29
N PRO A 537 -20.89 10.78 -19.63
CA PRO A 537 -20.71 9.31 -19.66
C PRO A 537 -19.56 8.83 -20.53
N GLY A 538 -19.07 9.64 -21.45
CA GLY A 538 -17.95 9.25 -22.28
C GLY A 538 -16.62 9.27 -21.52
N ASP A 539 -16.54 8.52 -20.43
CA ASP A 539 -15.34 8.45 -19.61
C ASP A 539 -14.45 7.25 -19.97
N LEU A 540 -14.76 6.58 -21.08
CA LEU A 540 -13.87 5.56 -21.62
C LEU A 540 -12.87 6.20 -22.58
N ASP A 541 -11.71 5.56 -22.74
CA ASP A 541 -10.57 6.20 -23.40
C ASP A 541 -10.86 6.64 -24.83
N PRO A 542 -11.25 5.74 -25.78
CA PRO A 542 -11.47 6.22 -27.16
C PRO A 542 -12.59 7.24 -27.32
N GLU A 543 -13.79 6.93 -26.84
CA GLU A 543 -14.92 7.87 -26.96
C GLU A 543 -14.80 8.91 -25.87
N LYS A 544 -13.91 9.87 -26.10
CA LYS A 544 -13.74 10.98 -25.18
C LYS A 544 -14.96 11.88 -25.22
N SER A 545 -15.55 12.12 -24.05
CA SER A 545 -16.70 13.03 -23.94
C SER A 545 -16.22 14.48 -23.96
N THR A 546 -15.79 14.88 -25.17
CA THR A 546 -15.11 16.15 -25.44
C THR A 546 -14.20 16.54 -24.28
N LYS A 547 -13.40 15.58 -23.80
CA LYS A 547 -12.63 15.71 -22.58
C LYS A 547 -11.23 15.13 -22.79
N ARG A 548 -10.27 15.67 -22.03
CA ARG A 548 -8.87 15.23 -22.11
C ARG A 548 -8.65 14.11 -21.10
N LEU A 549 -9.04 12.91 -21.51
CA LEU A 549 -8.90 11.73 -20.64
C LEU A 549 -7.45 11.27 -20.57
N VAL A 550 -6.99 10.99 -19.34
CA VAL A 550 -5.64 10.52 -19.09
C VAL A 550 -5.68 9.46 -17.99
N ARG A 551 -4.59 8.68 -17.92
CA ARG A 551 -4.50 7.58 -16.97
C ARG A 551 -4.61 8.08 -15.53
N ARG A 552 -4.97 7.16 -14.63
CA ARG A 552 -5.04 7.51 -13.21
C ARG A 552 -3.67 7.81 -12.63
N ASN A 553 -2.62 7.19 -13.19
CA ASN A 553 -1.29 7.27 -12.57
C ASN A 553 -0.66 8.64 -12.76
N VAL A 554 -0.95 9.34 -13.86
CA VAL A 554 -0.26 10.59 -14.15
C VAL A 554 -0.79 11.71 -13.26
N VAL A 555 -2.11 11.85 -13.15
CA VAL A 555 -2.65 12.93 -12.34
C VAL A 555 -2.48 12.68 -10.86
N TYR A 556 -2.33 11.41 -10.44
CA TYR A 556 -1.86 11.18 -9.09
C TYR A 556 -0.47 11.76 -8.90
N ARG A 557 0.38 11.64 -9.90
CA ARG A 557 1.73 12.19 -9.81
C ARG A 557 1.71 13.70 -9.70
N LYS A 558 0.80 14.35 -10.44
CA LYS A 558 0.68 15.80 -10.35
C LYS A 558 0.35 16.23 -8.93
N VAL A 559 -0.65 15.59 -8.33
CA VAL A 559 -1.02 15.89 -6.94
C VAL A 559 0.13 15.53 -6.00
N TRP A 560 0.71 14.34 -6.18
CA TRP A 560 1.79 13.91 -5.29
C TRP A 560 2.94 14.89 -5.29
N LEU A 561 3.37 15.32 -6.49
CA LEU A 561 4.45 16.29 -6.57
C LEU A 561 4.11 17.59 -5.86
N LEU A 562 2.84 17.98 -5.86
CA LEU A 562 2.45 19.24 -5.24
C LEU A 562 2.60 19.18 -3.73
N MET A 563 1.97 18.19 -3.09
CA MET A 563 2.14 18.05 -1.65
C MET A 563 3.57 17.70 -1.28
N GLN A 564 4.30 17.04 -2.19
CA GLN A 564 5.67 16.65 -1.87
C GLN A 564 6.56 17.87 -1.66
N LEU A 565 6.41 18.90 -2.50
CA LEU A 565 7.22 20.10 -2.34
C LEU A 565 6.61 21.08 -1.35
N GLY A 566 5.31 20.97 -1.07
CA GLY A 566 4.68 21.78 -0.04
C GLY A 566 3.72 22.85 -0.52
N CYS A 567 2.97 22.60 -1.60
CA CYS A 567 1.90 23.51 -1.97
C CYS A 567 0.78 23.49 -0.91
N VAL A 568 0.02 24.57 -0.87
CA VAL A 568 -1.12 24.70 0.04
C VAL A 568 -2.40 24.57 -0.78
N PHE A 569 -3.20 23.56 -0.44
CA PHE A 569 -4.44 23.28 -1.15
C PHE A 569 -5.61 23.95 -0.43
N VAL A 570 -6.47 24.61 -1.20
CA VAL A 570 -7.71 25.16 -0.65
C VAL A 570 -8.87 24.54 -1.41
N GLY A 571 -10.01 24.45 -0.74
CA GLY A 571 -11.17 23.79 -1.30
C GLY A 571 -12.15 23.43 -0.20
N HIS A 572 -13.21 22.72 -0.62
CA HIS A 572 -14.33 22.41 0.25
C HIS A 572 -14.30 20.92 0.61
N GLY A 573 -14.01 20.64 1.89
CA GLY A 573 -13.97 19.26 2.36
C GLY A 573 -12.96 18.43 1.60
N LEU A 574 -11.70 18.87 1.60
CA LEU A 574 -10.70 18.25 0.75
C LEU A 574 -10.15 16.95 1.32
N ASN A 575 -10.15 16.78 2.64
CA ASN A 575 -9.74 15.51 3.22
C ASN A 575 -10.57 14.37 2.64
N ASN A 576 -11.85 14.64 2.35
CA ASN A 576 -12.64 13.67 1.61
C ASN A 576 -12.10 13.48 0.20
N ASP A 577 -11.70 14.58 -0.45
CA ASP A 577 -11.17 14.49 -1.81
C ASP A 577 -9.86 13.70 -1.83
N PHE A 578 -9.00 13.93 -0.84
CA PHE A 578 -7.76 13.17 -0.75
C PHE A 578 -8.02 11.71 -0.43
N LYS A 579 -9.08 11.42 0.32
CA LYS A 579 -9.43 10.03 0.60
C LYS A 579 -9.71 9.28 -0.68
N HIS A 580 -10.31 9.95 -1.67
CA HIS A 580 -10.71 9.28 -2.90
C HIS A 580 -9.61 9.25 -3.95
N ILE A 581 -8.75 10.27 -3.99
CA ILE A 581 -7.54 10.17 -4.81
C ILE A 581 -6.44 9.40 -4.11
N ASN A 582 -6.71 8.88 -2.91
CA ASN A 582 -5.79 8.01 -2.17
C ASN A 582 -4.42 8.69 -1.97
N ILE A 583 -4.45 9.80 -1.24
CA ILE A 583 -3.22 10.50 -0.87
C ILE A 583 -3.45 11.16 0.50
N ASN A 584 -2.36 11.39 1.22
CA ASN A 584 -2.38 12.01 2.54
C ASN A 584 -1.57 13.30 2.50
N VAL A 585 -2.24 14.43 2.72
CA VAL A 585 -1.59 15.73 2.76
C VAL A 585 -1.43 16.10 4.24
N PRO A 586 -0.35 16.78 4.64
CA PRO A 586 -0.22 17.16 6.05
C PRO A 586 -1.33 18.10 6.47
N ARG A 587 -1.58 18.12 7.78
CA ARG A 587 -2.67 18.93 8.33
C ARG A 587 -2.46 20.42 8.06
N ASN A 588 -1.21 20.88 8.05
CA ASN A 588 -0.90 22.29 7.89
C ASN A 588 -0.78 22.72 6.43
N GLN A 589 -0.88 21.80 5.48
CA GLN A 589 -0.74 22.10 4.07
C GLN A 589 -2.08 22.23 3.37
N ILE A 590 -3.13 22.59 4.09
CA ILE A 590 -4.47 22.60 3.50
C ILE A 590 -5.31 23.66 4.20
N ARG A 591 -6.08 24.39 3.41
CA ARG A 591 -7.09 25.33 3.90
C ARG A 591 -8.44 24.79 3.45
N ASP A 592 -9.18 24.19 4.36
CA ASP A 592 -10.52 23.68 4.09
C ASP A 592 -11.52 24.73 4.50
N THR A 593 -12.27 25.26 3.51
CA THR A 593 -13.31 26.23 3.84
C THR A 593 -14.45 25.61 4.63
N ALA A 594 -14.66 24.30 4.50
CA ALA A 594 -15.69 23.63 5.30
C ALA A 594 -15.34 23.63 6.79
N ILE A 595 -14.06 23.59 7.11
CA ILE A 595 -13.64 23.61 8.52
C ILE A 595 -13.61 25.04 9.06
N TYR A 596 -13.23 26.01 8.21
CA TYR A 596 -13.18 27.40 8.65
C TYR A 596 -14.56 27.92 8.99
N PHE A 597 -15.52 27.77 8.07
CA PHE A 597 -16.90 28.17 8.31
C PHE A 597 -17.71 26.97 8.83
N LEU A 598 -17.31 26.51 10.01
CA LEU A 598 -17.94 25.37 10.66
C LEU A 598 -18.44 25.80 12.04
N GLN A 599 -19.66 25.38 12.37
CA GLN A 599 -20.34 25.77 13.60
C GLN A 599 -20.48 24.60 14.56
N GLY A 600 -19.43 23.77 14.66
CA GLY A 600 -19.45 22.60 15.52
C GLY A 600 -20.06 21.40 14.83
N LYS A 601 -21.07 21.65 14.01
CA LYS A 601 -21.71 20.62 13.19
C LYS A 601 -22.38 21.33 12.03
N ARG A 602 -23.24 20.59 11.31
CA ARG A 602 -24.03 21.15 10.21
C ARG A 602 -23.13 21.86 9.21
N TYR A 603 -22.26 21.08 8.58
CA TYR A 603 -21.40 21.61 7.53
C TYR A 603 -22.25 22.27 6.46
N LEU A 604 -21.98 23.54 6.20
CA LEU A 604 -22.78 24.31 5.26
C LEU A 604 -22.38 23.95 3.82
N SER A 605 -23.27 24.26 2.89
CA SER A 605 -23.09 23.92 1.49
C SER A 605 -21.89 24.62 0.86
N LEU A 606 -21.68 24.40 -0.43
CA LEU A 606 -20.88 25.35 -1.20
C LEU A 606 -21.74 26.25 -2.06
N ARG A 607 -22.87 25.74 -2.55
CA ARG A 607 -23.82 26.59 -3.29
C ARG A 607 -24.48 27.61 -2.38
N TYR A 608 -24.67 27.25 -1.10
CA TYR A 608 -25.31 28.17 -0.16
C TYR A 608 -24.43 29.38 0.10
N LEU A 609 -23.13 29.14 0.35
CA LEU A 609 -22.22 30.21 0.70
C LEU A 609 -21.78 30.99 -0.52
N ALA A 610 -21.68 30.34 -1.68
CA ALA A 610 -21.57 31.06 -2.94
C ALA A 610 -22.72 32.04 -3.12
N TYR A 611 -23.90 31.72 -2.59
CA TYR A 611 -25.04 32.61 -2.67
C TYR A 611 -25.16 33.51 -1.45
N VAL A 612 -24.96 32.96 -0.25
CA VAL A 612 -25.23 33.73 0.96
C VAL A 612 -24.04 34.56 1.42
N LEU A 613 -22.84 34.31 0.91
CA LEU A 613 -21.71 35.14 1.28
C LEU A 613 -21.26 36.10 0.18
N LEU A 614 -21.53 35.81 -1.09
CA LEU A 614 -21.40 36.79 -2.18
C LEU A 614 -22.42 36.39 -3.26
N GLY A 615 -22.28 36.96 -4.46
CA GLY A 615 -23.38 37.03 -5.42
C GLY A 615 -23.62 35.85 -6.36
N MET A 616 -22.76 34.85 -6.41
CA MET A 616 -22.92 33.80 -7.41
C MET A 616 -24.04 32.83 -7.00
N ASN A 617 -24.56 32.12 -8.01
CA ASN A 617 -25.58 31.08 -7.82
C ASN A 617 -25.04 29.82 -8.51
N ILE A 618 -24.36 28.98 -7.74
CA ILE A 618 -23.68 27.80 -8.28
C ILE A 618 -24.48 26.53 -8.04
N GLN A 619 -25.80 26.65 -7.88
CA GLN A 619 -26.66 25.52 -7.56
C GLN A 619 -27.45 25.06 -8.78
N GLU A 620 -27.87 23.79 -8.74
CA GLU A 620 -28.79 23.18 -9.69
C GLU A 620 -28.16 22.95 -11.06
N GLY A 621 -26.95 23.46 -11.27
CA GLY A 621 -26.20 23.10 -12.45
C GLY A 621 -25.42 21.82 -12.21
N ASN A 622 -25.16 21.10 -13.30
CA ASN A 622 -24.34 19.89 -13.19
C ASN A 622 -22.97 20.30 -12.66
N HIS A 623 -22.66 19.90 -11.43
CA HIS A 623 -21.50 20.38 -10.70
C HIS A 623 -20.23 20.30 -11.53
N ASP A 624 -19.62 21.45 -11.78
CA ASP A 624 -18.47 21.58 -12.67
C ASP A 624 -17.21 21.84 -11.82
N SER A 625 -16.42 20.78 -11.61
CA SER A 625 -15.24 20.83 -10.76
C SER A 625 -14.40 22.08 -10.96
N ILE A 626 -14.43 22.64 -12.18
CA ILE A 626 -13.66 23.84 -12.49
C ILE A 626 -14.07 24.99 -11.56
N GLU A 627 -15.36 25.31 -11.53
CA GLU A 627 -15.83 26.50 -10.84
C GLU A 627 -16.09 26.26 -9.35
N ASP A 628 -16.34 25.01 -8.94
CA ASP A 628 -16.44 24.74 -7.50
C ASP A 628 -15.07 24.85 -6.84
N ALA A 629 -14.00 24.55 -7.56
CA ALA A 629 -12.66 24.88 -7.07
C ALA A 629 -12.43 26.39 -7.13
N HIS A 630 -12.96 27.04 -8.15
CA HIS A 630 -12.87 28.50 -8.24
C HIS A 630 -13.68 29.16 -7.15
N THR A 631 -14.90 28.68 -6.91
CA THR A 631 -15.73 29.22 -5.82
C THR A 631 -15.04 29.01 -4.48
N ALA A 632 -14.37 27.88 -4.29
CA ALA A 632 -13.68 27.62 -3.04
C ALA A 632 -12.48 28.53 -2.86
N LEU A 633 -11.78 28.84 -3.96
CA LEU A 633 -10.59 29.68 -3.86
C LEU A 633 -10.95 31.06 -3.33
N ILE A 634 -11.86 31.75 -4.01
CA ILE A 634 -12.19 33.13 -3.62
C ILE A 634 -12.96 33.21 -2.32
N LEU A 635 -13.44 32.09 -1.78
CA LEU A 635 -14.03 32.10 -0.46
C LEU A 635 -12.96 32.09 0.63
N TYR A 636 -11.91 31.30 0.45
CA TYR A 636 -10.79 31.31 1.40
C TYR A 636 -10.12 32.68 1.44
N LYS A 637 -10.25 33.49 0.38
CA LYS A 637 -9.78 34.86 0.44
C LYS A 637 -10.79 35.77 1.15
N LYS A 638 -12.09 35.45 1.06
CA LYS A 638 -13.08 36.19 1.83
C LYS A 638 -12.95 35.88 3.32
N TYR A 639 -12.70 34.61 3.65
CA TYR A 639 -12.39 34.25 5.03
C TYR A 639 -11.18 35.02 5.55
N LEU A 640 -10.24 35.35 4.67
CA LEU A 640 -9.03 36.06 5.08
C LEU A 640 -9.29 37.53 5.33
N HIS A 641 -10.12 38.17 4.50
CA HIS A 641 -10.49 39.56 4.75
C HIS A 641 -11.29 39.69 6.03
N LEU A 642 -12.15 38.72 6.32
CA LEU A 642 -12.95 38.75 7.54
C LEU A 642 -12.15 38.36 8.77
N LYS A 643 -11.03 37.64 8.61
CA LYS A 643 -10.18 37.31 9.74
C LYS A 643 -9.13 38.37 10.02
N GLU A 644 -8.62 39.03 8.97
CA GLU A 644 -7.72 40.16 9.18
C GLU A 644 -8.41 41.28 9.95
N LYS A 645 -9.66 41.57 9.58
CA LYS A 645 -10.51 42.39 10.42
C LYS A 645 -11.05 41.54 11.57
N ALA A 646 -11.56 42.22 12.60
CA ALA A 646 -11.94 41.56 13.84
C ALA A 646 -13.37 41.01 13.82
N ILE A 647 -13.90 40.69 12.64
CA ILE A 647 -15.32 40.37 12.50
C ILE A 647 -15.53 38.90 12.18
N PHE A 648 -14.64 38.03 12.67
CA PHE A 648 -14.69 36.60 12.34
C PHE A 648 -16.00 35.94 12.76
N GLU A 649 -16.30 35.93 14.05
CA GLU A 649 -17.53 35.31 14.55
C GLU A 649 -18.72 36.24 14.42
N LYS A 650 -18.48 37.56 14.40
CA LYS A 650 -19.57 38.48 14.09
C LYS A 650 -20.19 38.17 12.73
N VAL A 651 -19.36 37.79 11.76
CA VAL A 651 -19.93 37.40 10.47
C VAL A 651 -20.23 35.90 10.42
N LEU A 652 -19.61 35.09 11.27
CA LEU A 652 -19.87 33.65 11.24
C LEU A 652 -21.31 33.35 11.66
N ASN A 653 -21.75 33.94 12.76
CA ASN A 653 -23.10 33.75 13.25
C ASN A 653 -24.16 34.41 12.38
N SER A 654 -23.79 35.04 11.26
CA SER A 654 -24.78 35.76 10.46
C SER A 654 -25.70 34.80 9.72
N VAL A 655 -25.15 33.76 9.09
CA VAL A 655 -25.84 33.02 8.05
C VAL A 655 -26.40 31.70 8.55
N TYR A 656 -25.75 31.03 9.49
CA TYR A 656 -26.42 29.87 10.06
C TYR A 656 -27.45 30.27 11.11
N GLU A 657 -27.48 31.54 11.52
CA GLU A 657 -28.64 32.06 12.23
C GLU A 657 -29.74 32.43 11.26
N GLU A 658 -29.37 33.05 10.12
CA GLU A 658 -30.34 33.38 9.09
C GLU A 658 -30.75 32.16 8.27
N GLY A 659 -29.95 31.10 8.28
CA GLY A 659 -30.32 29.90 7.57
C GLY A 659 -31.27 29.01 8.33
N ARG A 660 -31.24 29.09 9.67
CA ARG A 660 -32.17 28.29 10.46
C ARG A 660 -33.61 28.77 10.29
N ALA A 661 -33.81 30.07 10.11
CA ALA A 661 -35.11 30.59 9.74
C ALA A 661 -35.38 30.47 8.24
N HIS A 662 -34.37 30.13 7.45
CA HIS A 662 -34.52 29.93 6.00
C HIS A 662 -34.27 28.49 5.59
N ASN A 663 -34.14 27.57 6.56
CA ASN A 663 -33.98 26.14 6.31
C ASN A 663 -32.69 25.81 5.56
N PHE A 664 -31.69 26.70 5.63
CA PHE A 664 -30.38 26.48 5.00
C PHE A 664 -30.50 26.27 3.50
N LYS A 665 -31.51 26.89 2.87
CA LYS A 665 -31.70 26.76 1.43
C LYS A 665 -32.54 27.94 0.97
N VAL A 666 -31.94 28.83 0.18
CA VAL A 666 -32.62 30.02 -0.32
C VAL A 666 -32.79 29.88 -1.83
N PRO A 667 -33.74 30.65 -2.36
CA PRO A 667 -34.16 30.53 -3.76
C PRO A 667 -32.97 30.62 -4.71
N GLU A 668 -32.97 29.74 -5.70
CA GLU A 668 -31.94 29.72 -6.75
C GLU A 668 -32.57 30.03 -8.10
#